data_1MZH
#
_entry.id   1MZH
#
_cell.length_a   49.139
_cell.length_b   123.458
_cell.length_c   151.822
_cell.angle_alpha   90.00
_cell.angle_beta   90.00
_cell.angle_gamma   90.00
#
_symmetry.space_group_name_H-M   'C 2 2 21'
#
loop_
_entity.id
_entity.type
_entity.pdbx_description
1 polymer 'Deoxyribose-phosphate aldolase'
2 non-polymer 'PHOSPHATE ION'
3 water water
#
_entity_poly.entity_id   1
_entity_poly.type   'polypeptide(L)'
_entity_poly.pdbx_seq_one_letter_code
;MIDVRKYIDNAALKPHLSEKEIEEFVLKSEELGIYAVCVNPYHVKLASSIAKKVKVCCVIGFPLGLNKTSVKVKEAVEAV
RDGAQELDIVWNLSAFKSEKYDFVVEELKEIFRETPSAVHKVIVETPYLNEEEIKKAVEICIEAGADFIKTSTGFAPRGT
TLEEVRLIKSSAKGRIKVKASGGIRDLETAISMIEAGADRIGTSSGISIAEEFLKRHLILEHHHH
;
_entity_poly.pdbx_strand_id   A,B
#
loop_
_chem_comp.id
_chem_comp.type
_chem_comp.name
_chem_comp.formula
PO4 non-polymer 'PHOSPHATE ION' 'O4 P -3'
#
# COMPACT_ATOMS: atom_id res chain seq x y z
N MET A 1 17.29 30.57 -0.57
CA MET A 1 18.64 29.96 -0.44
C MET A 1 18.62 28.80 0.56
N ILE A 2 17.42 28.23 0.75
CA ILE A 2 17.23 27.11 1.68
C ILE A 2 17.96 25.85 1.23
N ASP A 3 18.73 25.26 2.13
CA ASP A 3 19.48 24.04 1.83
C ASP A 3 18.48 22.88 1.95
N VAL A 4 17.76 22.65 0.86
CA VAL A 4 16.71 21.63 0.79
C VAL A 4 17.13 20.19 1.12
N ARG A 5 18.39 19.86 0.87
CA ARG A 5 18.91 18.52 1.13
C ARG A 5 18.70 18.07 2.58
N LYS A 6 18.89 19.00 3.51
CA LYS A 6 18.72 18.71 4.93
C LYS A 6 17.25 18.45 5.32
N TYR A 7 16.33 18.82 4.44
CA TYR A 7 14.89 18.64 4.69
C TYR A 7 14.34 17.39 4.03
N ILE A 8 15.12 16.83 3.13
CA ILE A 8 14.70 15.68 2.35
C ILE A 8 14.75 14.27 2.93
N ASP A 9 13.60 13.60 2.80
CA ASP A 9 13.41 12.20 3.18
C ASP A 9 13.19 11.59 1.80
N ASN A 10 14.25 11.04 1.21
CA ASN A 10 14.19 10.47 -0.12
C ASN A 10 13.58 9.08 -0.08
N ALA A 11 12.47 8.89 -0.81
CA ALA A 11 11.76 7.63 -0.79
C ALA A 11 11.99 6.69 -1.98
N ALA A 12 12.20 5.42 -1.66
CA ALA A 12 12.40 4.37 -2.66
C ALA A 12 11.43 3.28 -2.22
N LEU A 13 10.15 3.50 -2.52
CA LEU A 13 9.07 2.61 -2.12
C LEU A 13 8.39 1.77 -3.18
N LYS A 14 8.84 1.90 -4.43
CA LYS A 14 8.26 1.13 -5.53
C LYS A 14 8.64 -0.36 -5.37
N PRO A 15 7.64 -1.26 -5.44
CA PRO A 15 7.82 -2.71 -5.31
C PRO A 15 8.72 -3.36 -6.36
N HIS A 16 8.76 -2.79 -7.56
CA HIS A 16 9.57 -3.34 -8.64
C HIS A 16 11.07 -3.01 -8.51
N LEU A 17 11.45 -2.31 -7.46
CA LEU A 17 12.84 -1.95 -7.23
C LEU A 17 13.63 -3.13 -6.67
N SER A 18 14.79 -3.42 -7.25
CA SER A 18 15.64 -4.51 -6.79
C SER A 18 16.45 -4.04 -5.59
N GLU A 19 17.06 -5.00 -4.89
CA GLU A 19 17.89 -4.69 -3.73
C GLU A 19 19.10 -3.87 -4.15
N LYS A 20 19.60 -4.13 -5.35
CA LYS A 20 20.74 -3.39 -5.88
C LYS A 20 20.35 -1.95 -6.05
N GLU A 21 19.16 -1.72 -6.62
CA GLU A 21 18.64 -0.38 -6.84
C GLU A 21 18.49 0.36 -5.51
N ILE A 22 18.06 -0.36 -4.47
CA ILE A 22 17.90 0.24 -3.15
C ILE A 22 19.28 0.67 -2.65
N GLU A 23 20.26 -0.23 -2.75
CA GLU A 23 21.62 0.04 -2.33
C GLU A 23 22.19 1.31 -2.97
N GLU A 24 22.13 1.39 -4.30
CA GLU A 24 22.65 2.58 -4.98
C GLU A 24 21.83 3.84 -4.69
N PHE A 25 20.54 3.66 -4.41
CA PHE A 25 19.67 4.79 -4.09
C PHE A 25 20.15 5.39 -2.77
N VAL A 26 20.44 4.52 -1.80
CA VAL A 26 20.91 4.96 -0.49
C VAL A 26 22.29 5.63 -0.61
N LEU A 27 23.13 5.07 -1.48
CA LEU A 27 24.48 5.60 -1.69
C LEU A 27 24.46 7.00 -2.28
N LYS A 28 23.66 7.19 -3.33
CA LYS A 28 23.54 8.49 -4.00
C LYS A 28 23.04 9.55 -3.03
N SER A 29 22.00 9.21 -2.28
CA SER A 29 21.41 10.13 -1.31
C SER A 29 22.42 10.56 -0.26
N GLU A 30 23.22 9.60 0.24
CA GLU A 30 24.26 9.89 1.23
C GLU A 30 25.28 10.85 0.63
N GLU A 31 25.66 10.57 -0.62
CA GLU A 31 26.62 11.37 -1.37
C GLU A 31 26.13 12.80 -1.61
N LEU A 32 24.84 12.95 -1.89
CA LEU A 32 24.24 14.25 -2.14
C LEU A 32 23.93 15.00 -0.85
N GLY A 33 24.24 14.36 0.29
CA GLY A 33 23.99 15.00 1.57
C GLY A 33 22.54 15.08 1.99
N ILE A 34 21.71 14.21 1.43
CA ILE A 34 20.27 14.15 1.76
C ILE A 34 20.13 13.63 3.19
N TYR A 35 19.24 14.26 3.97
CA TYR A 35 19.04 13.89 5.37
C TYR A 35 18.67 12.44 5.65
N ALA A 36 17.70 11.92 4.91
CA ALA A 36 17.28 10.56 5.15
C ALA A 36 16.75 9.82 3.93
N VAL A 37 16.57 8.52 4.11
CA VAL A 37 16.03 7.65 3.08
C VAL A 37 14.84 6.90 3.68
N CYS A 38 13.73 6.87 2.95
CA CYS A 38 12.52 6.17 3.38
C CYS A 38 12.35 4.92 2.53
N VAL A 39 12.24 3.77 3.20
CA VAL A 39 12.08 2.50 2.50
C VAL A 39 11.00 1.62 3.13
N ASN A 40 10.66 0.54 2.43
CA ASN A 40 9.70 -0.44 2.92
C ASN A 40 10.44 -1.34 3.93
N PRO A 41 9.70 -1.96 4.87
CA PRO A 41 10.26 -2.84 5.90
C PRO A 41 11.28 -3.90 5.46
N TYR A 42 11.03 -4.50 4.30
CA TYR A 42 11.92 -5.51 3.74
C TYR A 42 13.32 -4.96 3.48
N HIS A 43 13.39 -3.67 3.15
CA HIS A 43 14.65 -3.01 2.85
C HIS A 43 15.35 -2.30 4.03
N VAL A 44 14.76 -2.32 5.22
CA VAL A 44 15.35 -1.63 6.37
C VAL A 44 16.75 -2.09 6.75
N LYS A 45 16.95 -3.41 6.90
CA LYS A 45 18.25 -3.97 7.24
C LYS A 45 19.32 -3.58 6.21
N LEU A 46 18.99 -3.74 4.93
CA LEU A 46 19.89 -3.41 3.83
C LEU A 46 20.28 -1.93 3.89
N ALA A 47 19.27 -1.05 3.98
CA ALA A 47 19.50 0.39 4.03
C ALA A 47 20.40 0.81 5.19
N SER A 48 20.17 0.23 6.35
CA SER A 48 20.96 0.55 7.55
C SER A 48 22.40 0.07 7.43
N SER A 49 22.63 -0.98 6.64
CA SER A 49 23.98 -1.50 6.46
C SER A 49 24.81 -0.59 5.57
N ILE A 50 24.14 0.03 4.59
CA ILE A 50 24.80 0.93 3.64
C ILE A 50 24.91 2.35 4.20
N ALA A 51 23.83 2.84 4.78
CA ALA A 51 23.78 4.18 5.35
C ALA A 51 24.87 4.45 6.40
N LYS A 52 25.47 5.64 6.32
CA LYS A 52 26.50 6.04 7.27
C LYS A 52 25.95 7.20 8.08
N LYS A 53 25.74 8.34 7.41
CA LYS A 53 25.22 9.54 8.04
C LYS A 53 23.72 9.72 7.77
N VAL A 54 23.26 9.21 6.62
CA VAL A 54 21.86 9.33 6.22
C VAL A 54 20.95 8.51 7.12
N LYS A 55 19.87 9.14 7.59
CA LYS A 55 18.92 8.46 8.47
C LYS A 55 18.08 7.42 7.72
N VAL A 56 17.76 6.32 8.38
CA VAL A 56 16.96 5.26 7.78
C VAL A 56 15.53 5.34 8.31
N CYS A 57 14.61 5.64 7.40
CA CYS A 57 13.20 5.74 7.76
C CYS A 57 12.43 4.58 7.12
N CYS A 58 11.51 4.01 7.87
CA CYS A 58 10.71 2.89 7.37
C CYS A 58 9.23 3.21 7.43
N VAL A 59 8.52 2.89 6.36
CA VAL A 59 7.08 3.10 6.29
C VAL A 59 6.37 1.93 6.98
N ILE A 60 5.43 2.25 7.87
CA ILE A 60 4.69 1.25 8.63
C ILE A 60 3.21 1.26 8.22
N GLY A 61 2.66 0.07 7.93
CA GLY A 61 1.26 -0.07 7.52
C GLY A 61 1.01 0.76 6.27
N PHE A 62 2.04 0.84 5.44
CA PHE A 62 2.04 1.63 4.22
C PHE A 62 1.62 0.85 2.97
N PRO A 63 0.83 1.49 2.10
CA PRO A 63 0.34 2.87 2.20
C PRO A 63 -1.11 3.02 2.69
N LEU A 64 -1.84 1.91 2.74
CA LEU A 64 -3.24 1.90 3.12
C LEU A 64 -3.60 2.10 4.58
N GLY A 65 -2.72 1.69 5.49
CA GLY A 65 -2.97 1.85 6.91
C GLY A 65 -4.12 1.04 7.47
N LEU A 66 -4.54 0.00 6.76
CA LEU A 66 -5.65 -0.83 7.21
C LEU A 66 -5.27 -2.21 7.74
N ASN A 67 -4.07 -2.29 8.29
CA ASN A 67 -3.58 -3.53 8.89
C ASN A 67 -4.04 -3.47 10.35
N LYS A 68 -4.17 -4.61 11.00
CA LYS A 68 -4.59 -4.60 12.40
C LYS A 68 -3.50 -3.94 13.24
N THR A 69 -3.90 -3.38 14.38
CA THR A 69 -2.96 -2.70 15.27
C THR A 69 -1.79 -3.61 15.62
N SER A 70 -2.08 -4.85 16.00
CA SER A 70 -1.06 -5.82 16.39
C SER A 70 -0.03 -5.99 15.27
N VAL A 71 -0.50 -5.99 14.03
CA VAL A 71 0.38 -6.13 12.87
C VAL A 71 1.19 -4.86 12.66
N LYS A 72 0.58 -3.69 12.86
CA LYS A 72 1.32 -2.45 12.70
C LYS A 72 2.42 -2.38 13.77
N VAL A 73 2.10 -2.82 14.99
CA VAL A 73 3.06 -2.80 16.10
C VAL A 73 4.25 -3.72 15.81
N LYS A 74 3.96 -4.94 15.35
CA LYS A 74 5.01 -5.91 15.03
C LYS A 74 5.93 -5.36 13.93
N GLU A 75 5.33 -4.72 12.93
CA GLU A 75 6.08 -4.16 11.83
C GLU A 75 6.96 -2.99 12.31
N ALA A 76 6.40 -2.16 13.20
CA ALA A 76 7.13 -1.03 13.76
C ALA A 76 8.31 -1.54 14.60
N VAL A 77 8.03 -2.52 15.46
CA VAL A 77 9.04 -3.13 16.32
C VAL A 77 10.17 -3.75 15.51
N GLU A 78 9.84 -4.55 14.51
CA GLU A 78 10.84 -5.21 13.68
C GLU A 78 11.64 -4.21 12.83
N ALA A 79 11.01 -3.09 12.48
CA ALA A 79 11.67 -2.07 11.69
C ALA A 79 12.83 -1.50 12.49
N VAL A 80 12.57 -1.17 13.75
CA VAL A 80 13.60 -0.62 14.63
C VAL A 80 14.70 -1.64 14.84
N ARG A 81 14.32 -2.89 15.02
CA ARG A 81 15.29 -3.96 15.22
C ARG A 81 16.17 -4.15 13.98
N ASP A 82 15.66 -3.74 12.82
CA ASP A 82 16.44 -3.85 11.57
C ASP A 82 17.29 -2.59 11.29
N GLY A 83 17.23 -1.62 12.22
CA GLY A 83 18.01 -0.41 12.08
C GLY A 83 17.26 0.89 11.82
N ALA A 84 15.92 0.87 11.87
CA ALA A 84 15.14 2.07 11.62
C ALA A 84 15.27 3.12 12.71
N GLN A 85 15.58 4.34 12.29
CA GLN A 85 15.74 5.45 13.21
C GLN A 85 14.48 6.33 13.21
N GLU A 86 13.69 6.20 12.14
CA GLU A 86 12.46 6.98 12.00
C GLU A 86 11.33 6.09 11.46
N LEU A 87 10.10 6.41 11.86
CA LEU A 87 8.94 5.64 11.41
C LEU A 87 7.82 6.54 10.88
N ASP A 88 7.44 6.32 9.64
CA ASP A 88 6.35 7.05 8.99
C ASP A 88 5.19 6.07 9.00
N ILE A 89 4.34 6.21 10.01
CA ILE A 89 3.22 5.32 10.23
C ILE A 89 1.88 5.81 9.67
N VAL A 90 1.26 4.98 8.84
CA VAL A 90 -0.04 5.33 8.26
C VAL A 90 -1.10 5.01 9.29
N TRP A 91 -1.85 6.02 9.72
CA TRP A 91 -2.90 5.80 10.72
C TRP A 91 -4.06 5.02 10.07
N ASN A 92 -5.09 4.71 10.87
CA ASN A 92 -6.24 4.01 10.32
C ASN A 92 -7.31 5.03 9.92
N LEU A 93 -7.28 5.42 8.65
CA LEU A 93 -8.22 6.39 8.11
C LEU A 93 -9.67 5.93 8.13
N SER A 94 -9.89 4.64 7.98
CA SER A 94 -11.25 4.10 8.00
C SER A 94 -11.87 4.31 9.38
N ALA A 95 -11.07 4.04 10.41
CA ALA A 95 -11.52 4.21 11.79
C ALA A 95 -11.76 5.70 12.03
N PHE A 96 -10.86 6.53 11.48
CA PHE A 96 -11.01 7.97 11.61
C PHE A 96 -12.33 8.41 10.99
N LYS A 97 -12.59 7.90 9.78
CA LYS A 97 -13.80 8.22 9.05
C LYS A 97 -15.06 7.70 9.74
N SER A 98 -14.88 6.67 10.56
CA SER A 98 -15.98 6.06 11.30
C SER A 98 -16.15 6.77 12.65
N GLU A 99 -15.33 7.79 12.88
CA GLU A 99 -15.33 8.59 14.10
C GLU A 99 -14.79 7.88 15.33
N LYS A 100 -14.00 6.83 15.11
CA LYS A 100 -13.39 6.08 16.21
C LYS A 100 -12.06 6.75 16.54
N TYR A 101 -12.15 8.01 16.96
CA TYR A 101 -10.98 8.80 17.29
C TYR A 101 -10.08 8.19 18.36
N ASP A 102 -10.68 7.72 19.45
CA ASP A 102 -9.92 7.09 20.53
C ASP A 102 -9.10 5.90 20.02
N PHE A 103 -9.73 5.07 19.19
CA PHE A 103 -9.05 3.91 18.61
C PHE A 103 -7.83 4.36 17.80
N VAL A 104 -8.00 5.44 17.03
CA VAL A 104 -6.90 5.98 16.22
C VAL A 104 -5.76 6.44 17.13
N VAL A 105 -6.09 7.22 18.16
CA VAL A 105 -5.08 7.72 19.08
C VAL A 105 -4.37 6.57 19.80
N GLU A 106 -5.16 5.62 20.33
CA GLU A 106 -4.59 4.50 21.04
C GLU A 106 -3.71 3.59 20.17
N GLU A 107 -4.09 3.40 18.90
CA GLU A 107 -3.27 2.57 18.01
C GLU A 107 -1.90 3.23 17.85
N LEU A 108 -1.91 4.53 17.68
CA LEU A 108 -0.67 5.29 17.51
C LEU A 108 0.17 5.24 18.80
N LYS A 109 -0.49 5.49 19.94
CA LYS A 109 0.21 5.48 21.22
C LYS A 109 0.86 4.13 21.48
N GLU A 110 0.15 3.05 21.15
CA GLU A 110 0.68 1.71 21.35
C GLU A 110 1.91 1.46 20.47
N ILE A 111 1.81 1.84 19.20
CA ILE A 111 2.91 1.69 18.26
C ILE A 111 4.12 2.51 18.74
N PHE A 112 3.85 3.73 19.20
CA PHE A 112 4.92 4.60 19.69
C PHE A 112 5.63 4.04 20.92
N ARG A 113 4.85 3.61 21.91
CA ARG A 113 5.44 3.08 23.15
C ARG A 113 6.25 1.81 22.97
N GLU A 114 5.99 1.07 21.89
CA GLU A 114 6.76 -0.14 21.61
C GLU A 114 7.98 0.19 20.77
N THR A 115 8.08 1.45 20.34
CA THR A 115 9.22 1.93 19.55
C THR A 115 9.63 3.32 20.05
N PRO A 116 10.03 3.44 21.33
CA PRO A 116 10.44 4.70 21.97
C PRO A 116 11.64 5.38 21.34
N SER A 117 12.53 4.60 20.74
CA SER A 117 13.76 5.13 20.16
C SER A 117 13.67 5.80 18.80
N ALA A 118 12.56 5.61 18.09
CA ALA A 118 12.43 6.19 16.76
C ALA A 118 11.59 7.46 16.69
N VAL A 119 11.89 8.28 15.70
CA VAL A 119 11.14 9.51 15.46
C VAL A 119 9.82 9.02 14.87
N HIS A 120 8.71 9.51 15.40
CA HIS A 120 7.40 9.09 14.92
C HIS A 120 6.67 10.13 14.07
N LYS A 121 6.36 9.75 12.83
CA LYS A 121 5.62 10.60 11.91
C LYS A 121 4.34 9.87 11.54
N VAL A 122 3.20 10.55 11.66
CA VAL A 122 1.93 9.94 11.32
C VAL A 122 1.40 10.46 9.99
N ILE A 123 1.20 9.57 9.02
CA ILE A 123 0.65 9.95 7.72
C ILE A 123 -0.85 9.94 7.87
N VAL A 124 -1.47 11.09 7.65
CA VAL A 124 -2.91 11.23 7.82
C VAL A 124 -3.75 11.23 6.53
N GLU A 125 -3.08 11.23 5.38
CA GLU A 125 -3.74 11.21 4.06
C GLU A 125 -4.64 12.42 3.81
N THR A 126 -4.06 13.61 3.81
CA THR A 126 -4.79 14.86 3.59
C THR A 126 -5.67 14.96 2.33
N PRO A 127 -5.26 14.35 1.21
CA PRO A 127 -6.12 14.44 0.02
C PRO A 127 -7.53 13.86 0.21
N TYR A 128 -7.74 13.11 1.30
CA TYR A 128 -9.05 12.53 1.60
C TYR A 128 -9.69 13.25 2.78
N LEU A 129 -9.09 14.35 3.21
CA LEU A 129 -9.60 15.11 4.34
C LEU A 129 -10.01 16.53 4.00
N ASN A 130 -11.11 17.00 4.59
CA ASN A 130 -11.52 18.38 4.40
C ASN A 130 -10.89 19.17 5.54
N GLU A 131 -11.06 20.50 5.53
CA GLU A 131 -10.50 21.37 6.56
C GLU A 131 -10.71 20.92 8.01
N GLU A 132 -11.96 20.65 8.38
CA GLU A 132 -12.24 20.22 9.75
C GLU A 132 -11.51 18.92 10.13
N GLU A 133 -11.53 17.94 9.23
CA GLU A 133 -10.87 16.66 9.49
C GLU A 133 -9.37 16.82 9.67
N ILE A 134 -8.80 17.80 8.97
CA ILE A 134 -7.36 18.06 9.09
C ILE A 134 -7.06 18.64 10.48
N LYS A 135 -7.93 19.52 10.96
CA LYS A 135 -7.75 20.11 12.29
C LYS A 135 -7.86 18.99 13.34
N LYS A 136 -8.77 18.05 13.13
CA LYS A 136 -8.94 16.93 14.04
C LYS A 136 -7.71 16.02 13.97
N ALA A 137 -7.22 15.80 12.75
CA ALA A 137 -6.06 14.96 12.51
C ALA A 137 -4.85 15.46 13.30
N VAL A 138 -4.65 16.78 13.30
CA VAL A 138 -3.56 17.41 14.01
C VAL A 138 -3.69 17.17 15.52
N GLU A 139 -4.89 17.36 16.05
CA GLU A 139 -5.15 17.14 17.48
C GLU A 139 -4.91 15.68 17.86
N ILE A 140 -5.25 14.77 16.96
CA ILE A 140 -5.06 13.34 17.17
C ILE A 140 -3.57 13.02 17.23
N CYS A 141 -2.80 13.52 16.27
CA CYS A 141 -1.36 13.28 16.25
C CYS A 141 -0.66 13.85 17.48
N ILE A 142 -1.10 15.03 17.93
CA ILE A 142 -0.52 15.65 19.12
C ILE A 142 -0.90 14.85 20.37
N GLU A 143 -2.16 14.43 20.46
CA GLU A 143 -2.64 13.64 21.59
C GLU A 143 -1.93 12.29 21.64
N ALA A 144 -1.59 11.76 20.47
CA ALA A 144 -0.89 10.49 20.35
C ALA A 144 0.58 10.64 20.73
N GLY A 145 1.06 11.89 20.69
CA GLY A 145 2.44 12.17 21.04
C GLY A 145 3.42 11.96 19.89
N ALA A 146 2.97 12.23 18.66
CA ALA A 146 3.82 12.07 17.48
C ALA A 146 4.76 13.25 17.34
N ASP A 147 5.89 13.00 16.70
CA ASP A 147 6.90 14.04 16.46
C ASP A 147 6.56 14.79 15.19
N PHE A 148 5.90 14.10 14.26
CA PHE A 148 5.54 14.70 12.98
C PHE A 148 4.17 14.25 12.51
N ILE A 149 3.59 15.05 11.63
CA ILE A 149 2.34 14.72 10.98
C ILE A 149 2.72 14.85 9.50
N LYS A 150 2.59 13.72 8.80
CA LYS A 150 2.93 13.63 7.38
C LYS A 150 1.62 13.71 6.60
N THR A 151 1.61 14.57 5.58
CA THR A 151 0.41 14.78 4.78
C THR A 151 -0.12 13.65 3.93
N SER A 152 0.74 13.06 3.09
CA SER A 152 0.27 12.02 2.19
C SER A 152 1.22 10.86 1.91
N THR A 153 0.62 9.74 1.54
CA THR A 153 1.32 8.52 1.20
C THR A 153 1.72 8.52 -0.28
N GLY A 154 1.07 9.38 -1.06
CA GLY A 154 1.33 9.45 -2.49
C GLY A 154 0.32 8.63 -3.28
N PHE A 155 -0.38 7.73 -2.59
CA PHE A 155 -1.38 6.88 -3.24
C PHE A 155 -2.75 7.57 -3.20
N ALA A 156 -2.85 8.64 -3.97
CA ALA A 156 -4.07 9.43 -4.05
C ALA A 156 -4.09 10.14 -5.40
N PRO A 157 -5.28 10.53 -5.87
CA PRO A 157 -5.40 11.22 -7.16
C PRO A 157 -4.88 12.66 -7.15
N ARG A 158 -4.63 13.19 -5.95
CA ARG A 158 -4.16 14.56 -5.80
C ARG A 158 -2.95 14.62 -4.86
N GLY A 159 -1.99 15.49 -5.19
CA GLY A 159 -0.81 15.64 -4.35
C GLY A 159 -1.16 16.55 -3.19
N THR A 160 -0.25 16.72 -2.24
CA THR A 160 -0.54 17.62 -1.13
C THR A 160 -0.50 19.06 -1.63
N THR A 161 -1.21 19.93 -0.93
CA THR A 161 -1.29 21.33 -1.33
C THR A 161 -0.63 22.25 -0.32
N LEU A 162 -0.33 23.47 -0.77
CA LEU A 162 0.27 24.48 0.10
C LEU A 162 -0.75 24.85 1.17
N GLU A 163 -2.02 24.83 0.79
CA GLU A 163 -3.12 25.13 1.69
C GLU A 163 -3.14 24.13 2.85
N GLU A 164 -2.91 22.85 2.52
CA GLU A 164 -2.91 21.80 3.54
C GLU A 164 -1.79 21.97 4.56
N VAL A 165 -0.59 22.26 4.08
CA VAL A 165 0.56 22.45 4.95
C VAL A 165 0.41 23.71 5.80
N ARG A 166 -0.12 24.78 5.18
CA ARG A 166 -0.32 26.04 5.89
C ARG A 166 -1.31 25.85 7.03
N LEU A 167 -2.38 25.11 6.77
CA LEU A 167 -3.41 24.83 7.78
C LEU A 167 -2.85 23.99 8.94
N ILE A 168 -2.10 22.95 8.59
CA ILE A 168 -1.50 22.07 9.59
C ILE A 168 -0.52 22.87 10.46
N LYS A 169 0.26 23.72 9.83
CA LYS A 169 1.25 24.56 10.52
C LYS A 169 0.54 25.48 11.53
N SER A 170 -0.56 26.09 11.09
CA SER A 170 -1.33 27.00 11.93
C SER A 170 -2.01 26.26 13.09
N SER A 171 -2.67 25.15 12.77
CA SER A 171 -3.37 24.34 13.77
C SER A 171 -2.42 23.72 14.79
N ALA A 172 -1.21 23.38 14.35
CA ALA A 172 -0.21 22.76 15.21
C ALA A 172 0.24 23.66 16.36
N LYS A 173 0.46 24.94 16.07
CA LYS A 173 0.91 25.90 17.10
C LYS A 173 2.22 25.52 17.76
N GLY A 174 3.12 24.90 16.98
CA GLY A 174 4.43 24.51 17.48
C GLY A 174 4.51 23.26 18.35
N ARG A 175 3.42 22.52 18.50
CA ARG A 175 3.47 21.33 19.33
C ARG A 175 3.68 20.03 18.53
N ILE A 176 3.92 20.18 17.23
CA ILE A 176 4.19 19.04 16.36
C ILE A 176 4.81 19.53 15.05
N LYS A 177 5.76 18.75 14.51
CA LYS A 177 6.42 19.10 13.25
C LYS A 177 5.61 18.64 12.04
N VAL A 178 5.85 19.26 10.89
CA VAL A 178 5.12 18.93 9.66
C VAL A 178 5.98 18.37 8.54
N LYS A 179 5.54 17.24 7.96
CA LYS A 179 6.25 16.64 6.84
C LYS A 179 5.35 16.67 5.60
N ALA A 180 5.74 17.48 4.61
CA ALA A 180 5.00 17.59 3.38
C ALA A 180 5.47 16.54 2.38
N SER A 181 4.54 15.73 1.86
CA SER A 181 4.89 14.69 0.91
C SER A 181 3.73 14.34 -0.02
N GLY A 182 4.05 13.93 -1.25
CA GLY A 182 3.02 13.56 -2.20
C GLY A 182 2.86 14.57 -3.32
N GLY A 183 3.39 14.23 -4.49
CA GLY A 183 3.30 15.12 -5.64
C GLY A 183 4.45 16.11 -5.74
N ILE A 184 5.42 16.02 -4.85
CA ILE A 184 6.59 16.92 -4.84
C ILE A 184 7.68 16.29 -5.72
N ARG A 185 7.81 16.81 -6.94
CA ARG A 185 8.79 16.27 -7.88
C ARG A 185 9.90 17.24 -8.31
N ASP A 186 9.87 18.47 -7.80
CA ASP A 186 10.90 19.45 -8.16
C ASP A 186 11.29 20.40 -7.03
N LEU A 187 12.40 21.10 -7.26
CA LEU A 187 12.95 22.04 -6.29
C LEU A 187 12.01 23.17 -5.90
N GLU A 188 11.43 23.83 -6.90
CA GLU A 188 10.53 24.95 -6.63
C GLU A 188 9.37 24.53 -5.74
N THR A 189 8.84 23.33 -5.95
CA THR A 189 7.73 22.83 -5.14
C THR A 189 8.22 22.52 -3.74
N ALA A 190 9.38 21.87 -3.62
CA ALA A 190 9.95 21.55 -2.32
C ALA A 190 10.17 22.83 -1.52
N ILE A 191 10.73 23.86 -2.18
CA ILE A 191 11.00 25.12 -1.51
C ILE A 191 9.71 25.79 -1.02
N SER A 192 8.68 25.79 -1.87
CA SER A 192 7.40 26.41 -1.53
C SER A 192 6.77 25.72 -0.32
N MET A 193 6.85 24.39 -0.29
CA MET A 193 6.30 23.61 0.82
C MET A 193 7.00 23.93 2.13
N ILE A 194 8.32 24.13 2.06
CA ILE A 194 9.09 24.47 3.24
C ILE A 194 8.68 25.87 3.72
N GLU A 195 8.55 26.80 2.78
CA GLU A 195 8.15 28.17 3.09
C GLU A 195 6.74 28.21 3.69
N ALA A 196 5.92 27.22 3.34
CA ALA A 196 4.55 27.13 3.85
C ALA A 196 4.45 26.48 5.23
N GLY A 197 5.57 25.99 5.74
CA GLY A 197 5.57 25.38 7.07
C GLY A 197 6.23 24.02 7.22
N ALA A 198 6.47 23.30 6.13
CA ALA A 198 7.08 21.98 6.21
C ALA A 198 8.46 21.93 6.88
N ASP A 199 8.58 21.06 7.89
CA ASP A 199 9.84 20.87 8.61
C ASP A 199 10.67 19.78 7.93
N ARG A 200 10.01 18.96 7.10
CA ARG A 200 10.64 17.88 6.36
C ARG A 200 9.86 17.67 5.07
N ILE A 201 10.54 17.21 4.03
CA ILE A 201 9.92 16.98 2.71
C ILE A 201 10.08 15.53 2.26
N GLY A 202 8.96 14.90 1.91
CA GLY A 202 9.00 13.52 1.43
C GLY A 202 8.92 13.57 -0.08
N THR A 203 9.75 12.79 -0.77
CA THR A 203 9.77 12.76 -2.22
C THR A 203 10.59 11.58 -2.73
N SER A 204 10.30 11.12 -3.94
CA SER A 204 11.06 10.03 -4.54
C SER A 204 12.03 10.62 -5.57
N SER A 205 12.04 11.96 -5.65
CA SER A 205 12.90 12.70 -6.59
C SER A 205 13.95 13.52 -5.84
N GLY A 206 14.34 13.04 -4.66
CA GLY A 206 15.32 13.72 -3.84
C GLY A 206 16.65 13.96 -4.53
N ILE A 207 17.10 13.00 -5.32
CA ILE A 207 18.38 13.11 -6.03
C ILE A 207 18.33 14.25 -7.04
N SER A 208 17.29 14.26 -7.88
CA SER A 208 17.11 15.29 -8.90
C SER A 208 16.94 16.67 -8.28
N ILE A 209 16.17 16.75 -7.20
CA ILE A 209 15.96 18.02 -6.52
C ILE A 209 17.26 18.49 -5.89
N ALA A 210 17.98 17.57 -5.25
CA ALA A 210 19.26 17.88 -4.62
C ALA A 210 20.27 18.39 -5.64
N GLU A 211 20.24 17.83 -6.85
CA GLU A 211 21.14 18.25 -7.90
C GLU A 211 20.75 19.61 -8.46
N GLU A 212 19.46 19.84 -8.62
CA GLU A 212 18.98 21.13 -9.12
C GLU A 212 19.41 22.24 -8.16
N PHE A 213 19.36 21.93 -6.87
CA PHE A 213 19.75 22.89 -5.84
C PHE A 213 21.24 23.16 -5.97
N LEU A 214 22.00 22.09 -6.16
CA LEU A 214 23.46 22.20 -6.30
C LEU A 214 23.78 23.07 -7.49
N LYS A 215 23.12 22.80 -8.63
CA LYS A 215 23.34 23.57 -9.85
C LYS A 215 23.11 25.06 -9.62
N ARG A 216 21.95 25.39 -9.05
CA ARG A 216 21.61 26.79 -8.80
C ARG A 216 22.58 27.47 -7.83
N HIS A 217 22.98 26.73 -6.80
CA HIS A 217 23.89 27.25 -5.78
C HIS A 217 25.29 27.51 -6.34
N LEU A 218 25.71 26.67 -7.29
CA LEU A 218 27.03 26.81 -7.91
C LEU A 218 27.07 27.91 -8.97
N ILE A 219 25.94 28.11 -9.64
CA ILE A 219 25.86 29.07 -10.73
C ILE A 219 25.30 30.46 -10.42
N LEU A 220 24.21 30.51 -9.65
CA LEU A 220 23.54 31.78 -9.33
C LEU A 220 24.03 32.42 -8.04
N GLU A 221 24.05 33.76 -8.02
CA GLU A 221 24.49 34.52 -6.85
C GLU A 221 23.49 34.51 -5.71
N HIS A 222 24.04 34.54 -4.49
CA HIS A 222 23.29 34.59 -3.23
C HIS A 222 24.18 34.14 -2.08
N HIS A 223 24.94 35.08 -1.53
CA HIS A 223 25.85 34.82 -0.41
C HIS A 223 26.27 36.16 0.17
N HIS A 224 27.35 36.72 -0.37
CA HIS A 224 27.88 38.02 0.05
C HIS A 224 28.55 38.72 -1.12
N HIS A 225 28.59 38.02 -2.26
CA HIS A 225 29.18 38.52 -3.50
C HIS A 225 30.65 38.95 -3.36
N MET B 1 -23.98 -14.78 -21.31
CA MET B 1 -23.19 -14.09 -20.25
C MET B 1 -22.54 -15.10 -19.30
N ILE B 2 -23.20 -16.25 -19.10
CA ILE B 2 -22.71 -17.31 -18.23
C ILE B 2 -22.41 -16.80 -16.81
N ASP B 3 -23.47 -16.36 -16.13
CA ASP B 3 -23.44 -15.83 -14.76
C ASP B 3 -22.08 -15.44 -14.18
N VAL B 4 -21.67 -14.20 -14.48
CA VAL B 4 -20.39 -13.66 -14.05
C VAL B 4 -20.31 -13.47 -12.52
N ARG B 5 -21.45 -13.40 -11.86
CA ARG B 5 -21.50 -13.20 -10.41
C ARG B 5 -20.76 -14.27 -9.62
N LYS B 6 -20.78 -15.50 -10.13
CA LYS B 6 -20.10 -16.62 -9.48
C LYS B 6 -18.58 -16.51 -9.57
N TYR B 7 -18.09 -15.62 -10.43
CA TYR B 7 -16.65 -15.39 -10.63
C TYR B 7 -16.14 -14.13 -9.94
N ILE B 8 -17.05 -13.32 -9.44
CA ILE B 8 -16.68 -12.04 -8.84
C ILE B 8 -16.17 -11.96 -7.39
N ASP B 9 -15.01 -11.33 -7.27
CA ASP B 9 -14.37 -11.04 -5.99
C ASP B 9 -14.47 -9.51 -5.94
N ASN B 10 -15.56 -9.01 -5.37
CA ASN B 10 -15.81 -7.57 -5.26
C ASN B 10 -14.91 -6.95 -4.20
N ALA B 11 -14.06 -6.02 -4.61
CA ALA B 11 -13.13 -5.38 -3.69
C ALA B 11 -13.51 -4.00 -3.16
N ALA B 12 -13.29 -3.82 -1.85
CA ALA B 12 -13.57 -2.54 -1.18
C ALA B 12 -12.30 -2.30 -0.39
N LEU B 13 -11.31 -1.71 -1.04
CA LEU B 13 -10.00 -1.49 -0.44
C LEU B 13 -9.50 -0.06 -0.21
N LYS B 14 -10.23 0.94 -0.68
CA LYS B 14 -9.80 2.32 -0.49
C LYS B 14 -9.85 2.63 1.01
N PRO B 15 -8.78 3.22 1.57
CA PRO B 15 -8.74 3.56 3.00
C PRO B 15 -9.70 4.63 3.50
N HIS B 16 -10.28 5.42 2.60
CA HIS B 16 -11.20 6.48 3.02
C HIS B 16 -12.62 5.95 3.28
N LEU B 17 -12.86 4.69 2.95
CA LEU B 17 -14.17 4.07 3.17
C LEU B 17 -14.44 3.86 4.66
N SER B 18 -15.53 4.41 5.16
CA SER B 18 -15.89 4.25 6.57
C SER B 18 -16.36 2.81 6.80
N GLU B 19 -16.50 2.43 8.05
CA GLU B 19 -16.95 1.08 8.37
C GLU B 19 -18.41 0.88 7.98
N LYS B 20 -19.17 1.98 7.95
CA LYS B 20 -20.57 1.94 7.55
C LYS B 20 -20.62 1.60 6.06
N GLU B 21 -19.73 2.24 5.29
CA GLU B 21 -19.69 1.98 3.85
C GLU B 21 -19.26 0.54 3.55
N ILE B 22 -18.29 0.04 4.30
CA ILE B 22 -17.83 -1.34 4.12
C ILE B 22 -19.01 -2.31 4.39
N GLU B 23 -19.77 -2.03 5.43
CA GLU B 23 -20.92 -2.85 5.79
C GLU B 23 -21.96 -2.85 4.66
N GLU B 24 -22.26 -1.66 4.14
CA GLU B 24 -23.22 -1.49 3.05
C GLU B 24 -22.72 -2.20 1.80
N PHE B 25 -21.41 -2.17 1.58
CA PHE B 25 -20.77 -2.79 0.43
C PHE B 25 -20.96 -4.30 0.48
N VAL B 26 -20.65 -4.89 1.63
CA VAL B 26 -20.78 -6.34 1.82
C VAL B 26 -22.25 -6.77 1.72
N LEU B 27 -23.14 -5.99 2.33
CA LEU B 27 -24.58 -6.30 2.30
C LEU B 27 -25.08 -6.29 0.87
N LYS B 28 -24.79 -5.21 0.14
CA LYS B 28 -25.20 -5.08 -1.26
C LYS B 28 -24.68 -6.23 -2.12
N SER B 29 -23.41 -6.59 -1.94
CA SER B 29 -22.78 -7.67 -2.70
C SER B 29 -23.50 -8.99 -2.43
N GLU B 30 -23.87 -9.20 -1.16
CA GLU B 30 -24.59 -10.39 -0.73
C GLU B 30 -25.94 -10.48 -1.44
N GLU B 31 -26.68 -9.37 -1.46
CA GLU B 31 -27.99 -9.31 -2.09
C GLU B 31 -27.95 -9.60 -3.60
N LEU B 32 -26.85 -9.21 -4.24
CA LEU B 32 -26.68 -9.41 -5.68
C LEU B 32 -26.13 -10.77 -6.08
N GLY B 33 -25.83 -11.61 -5.09
CA GLY B 33 -25.32 -12.93 -5.36
C GLY B 33 -23.89 -13.04 -5.84
N ILE B 34 -23.06 -12.07 -5.45
CA ILE B 34 -21.65 -12.04 -5.82
C ILE B 34 -20.91 -13.12 -5.02
N TYR B 35 -19.98 -13.82 -5.68
CA TYR B 35 -19.24 -14.89 -5.03
C TYR B 35 -18.52 -14.50 -3.76
N ALA B 36 -17.78 -13.39 -3.80
CA ALA B 36 -17.03 -12.96 -2.62
C ALA B 36 -16.68 -11.50 -2.57
N VAL B 37 -16.32 -11.06 -1.37
CA VAL B 37 -15.90 -9.69 -1.13
C VAL B 37 -14.45 -9.74 -0.69
N CYS B 38 -13.69 -8.73 -1.11
CA CYS B 38 -12.27 -8.64 -0.80
C CYS B 38 -12.06 -7.35 0.02
N VAL B 39 -11.52 -7.49 1.23
CA VAL B 39 -11.30 -6.33 2.10
C VAL B 39 -9.91 -6.34 2.73
N ASN B 40 -9.54 -5.21 3.35
CA ASN B 40 -8.28 -5.11 4.05
C ASN B 40 -8.41 -5.83 5.40
N PRO B 41 -7.28 -6.23 6.00
CA PRO B 41 -7.27 -6.93 7.31
C PRO B 41 -8.17 -6.33 8.38
N TYR B 42 -8.13 -5.02 8.52
CA TYR B 42 -8.94 -4.32 9.52
C TYR B 42 -10.45 -4.60 9.40
N HIS B 43 -10.93 -4.76 8.17
CA HIS B 43 -12.36 -4.98 7.92
C HIS B 43 -12.86 -6.43 7.88
N VAL B 44 -11.96 -7.39 8.04
CA VAL B 44 -12.36 -8.80 7.99
C VAL B 44 -13.42 -9.23 9.00
N LYS B 45 -13.27 -8.80 10.24
CA LYS B 45 -14.23 -9.17 11.28
C LYS B 45 -15.61 -8.62 10.95
N LEU B 46 -15.66 -7.36 10.53
CA LEU B 46 -16.91 -6.71 10.15
C LEU B 46 -17.54 -7.43 8.97
N ALA B 47 -16.75 -7.68 7.94
CA ALA B 47 -17.22 -8.35 6.72
C ALA B 47 -17.79 -9.74 7.00
N SER B 48 -17.09 -10.51 7.83
CA SER B 48 -17.52 -11.86 8.17
C SER B 48 -18.75 -11.88 9.08
N SER B 49 -18.92 -10.83 9.87
CA SER B 49 -20.06 -10.73 10.79
C SER B 49 -21.38 -10.49 10.06
N ILE B 50 -21.32 -9.96 8.84
CA ILE B 50 -22.52 -9.71 8.05
C ILE B 50 -22.68 -10.66 6.86
N ALA B 51 -21.57 -11.19 6.37
CA ALA B 51 -21.59 -12.11 5.23
C ALA B 51 -22.31 -13.43 5.55
N LYS B 52 -23.20 -13.84 4.65
CA LYS B 52 -23.96 -15.08 4.80
C LYS B 52 -23.40 -16.11 3.82
N LYS B 53 -23.69 -15.91 2.54
CA LYS B 53 -23.22 -16.81 1.49
C LYS B 53 -21.95 -16.31 0.80
N VAL B 54 -21.76 -14.98 0.77
CA VAL B 54 -20.57 -14.43 0.13
C VAL B 54 -19.33 -14.86 0.93
N LYS B 55 -18.28 -15.26 0.21
CA LYS B 55 -17.05 -15.67 0.87
C LYS B 55 -16.24 -14.43 1.24
N VAL B 56 -15.53 -14.48 2.35
CA VAL B 56 -14.72 -13.35 2.78
C VAL B 56 -13.26 -13.54 2.37
N CYS B 57 -12.77 -12.58 1.58
CA CYS B 57 -11.39 -12.61 1.11
C CYS B 57 -10.60 -11.45 1.71
N CYS B 58 -9.37 -11.73 2.13
CA CYS B 58 -8.52 -10.70 2.71
C CYS B 58 -7.20 -10.56 1.96
N VAL B 59 -6.83 -9.31 1.69
CA VAL B 59 -5.58 -9.01 1.01
C VAL B 59 -4.45 -9.01 2.05
N ILE B 60 -3.36 -9.70 1.74
CA ILE B 60 -2.23 -9.80 2.67
C ILE B 60 -0.97 -9.18 2.07
N GLY B 61 -0.30 -8.34 2.87
CA GLY B 61 0.91 -7.66 2.42
C GLY B 61 0.57 -6.75 1.24
N PHE B 62 -0.65 -6.27 1.25
CA PHE B 62 -1.22 -5.44 0.18
C PHE B 62 -1.04 -3.93 0.35
N PRO B 63 -0.76 -3.21 -0.74
CA PRO B 63 -0.59 -3.75 -2.09
C PRO B 63 0.87 -3.90 -2.54
N LEU B 64 1.80 -3.43 -1.72
CA LEU B 64 3.22 -3.45 -2.09
C LEU B 64 3.99 -4.75 -1.92
N GLY B 65 3.55 -5.59 -0.99
CA GLY B 65 4.20 -6.87 -0.75
C GLY B 65 5.60 -6.81 -0.19
N LEU B 66 5.99 -5.65 0.36
CA LEU B 66 7.33 -5.49 0.90
C LEU B 66 7.45 -5.51 2.42
N ASN B 67 6.48 -6.16 3.06
CA ASN B 67 6.47 -6.32 4.51
C ASN B 67 7.38 -7.52 4.81
N LYS B 68 7.81 -7.69 6.06
CA LYS B 68 8.65 -8.83 6.42
C LYS B 68 7.75 -10.09 6.39
N THR B 69 8.35 -11.24 6.09
CA THR B 69 7.62 -12.51 6.06
C THR B 69 6.84 -12.70 7.36
N SER B 70 7.53 -12.46 8.48
CA SER B 70 6.95 -12.59 9.81
C SER B 70 5.64 -11.83 9.98
N VAL B 71 5.58 -10.60 9.48
CA VAL B 71 4.37 -9.80 9.59
C VAL B 71 3.27 -10.26 8.63
N LYS B 72 3.65 -10.69 7.44
CA LYS B 72 2.70 -11.21 6.46
C LYS B 72 2.03 -12.45 7.05
N VAL B 73 2.84 -13.27 7.73
CA VAL B 73 2.35 -14.49 8.37
C VAL B 73 1.33 -14.13 9.43
N LYS B 74 1.70 -13.21 10.32
CA LYS B 74 0.82 -12.77 11.38
C LYS B 74 -0.47 -12.19 10.78
N GLU B 75 -0.32 -11.38 9.74
CA GLU B 75 -1.47 -10.78 9.08
C GLU B 75 -2.41 -11.86 8.53
N ALA B 76 -1.85 -12.85 7.85
CA ALA B 76 -2.64 -13.95 7.29
C ALA B 76 -3.38 -14.73 8.39
N VAL B 77 -2.67 -15.09 9.46
CA VAL B 77 -3.24 -15.83 10.58
C VAL B 77 -4.39 -15.02 11.20
N GLU B 78 -4.13 -13.75 11.46
CA GLU B 78 -5.13 -12.87 12.03
C GLU B 78 -6.36 -12.75 11.14
N ALA B 79 -6.14 -12.76 9.83
CA ALA B 79 -7.24 -12.66 8.88
C ALA B 79 -8.16 -13.89 9.00
N VAL B 80 -7.56 -15.07 9.03
CA VAL B 80 -8.30 -16.33 9.16
C VAL B 80 -9.13 -16.33 10.46
N ARG B 81 -8.51 -15.93 11.57
CA ARG B 81 -9.18 -15.87 12.85
C ARG B 81 -10.34 -14.89 12.83
N ASP B 82 -10.21 -13.84 12.02
CA ASP B 82 -11.27 -12.85 11.90
C ASP B 82 -12.39 -13.29 10.97
N GLY B 83 -12.19 -14.42 10.29
CA GLY B 83 -13.21 -14.94 9.39
C GLY B 83 -12.88 -15.05 7.90
N ALA B 84 -11.63 -14.78 7.53
CA ALA B 84 -11.24 -14.88 6.11
C ALA B 84 -11.24 -16.30 5.58
N GLN B 85 -11.92 -16.51 4.47
CA GLN B 85 -11.99 -17.84 3.84
C GLN B 85 -11.00 -17.95 2.68
N GLU B 86 -10.59 -16.81 2.15
CA GLU B 86 -9.62 -16.75 1.05
C GLU B 86 -8.64 -15.64 1.33
N LEU B 87 -7.40 -15.81 0.87
CA LEU B 87 -6.36 -14.83 1.08
C LEU B 87 -5.64 -14.51 -0.23
N ASP B 88 -5.62 -13.22 -0.58
CA ASP B 88 -4.94 -12.73 -1.77
C ASP B 88 -3.64 -12.12 -1.28
N ILE B 89 -2.57 -12.87 -1.46
CA ILE B 89 -1.25 -12.50 -0.97
C ILE B 89 -0.31 -11.92 -2.02
N VAL B 90 0.20 -10.72 -1.73
CA VAL B 90 1.13 -10.07 -2.62
C VAL B 90 2.51 -10.61 -2.30
N TRP B 91 3.16 -11.18 -3.31
CA TRP B 91 4.49 -11.74 -3.12
C TRP B 91 5.52 -10.62 -2.98
N ASN B 92 6.75 -10.97 -2.64
CA ASN B 92 7.80 -9.96 -2.52
C ASN B 92 8.42 -9.74 -3.91
N LEU B 93 7.95 -8.71 -4.60
CA LEU B 93 8.43 -8.37 -5.93
C LEU B 93 9.89 -7.89 -5.96
N SER B 94 10.35 -7.26 -4.88
CA SER B 94 11.72 -6.79 -4.83
C SER B 94 12.63 -8.03 -4.87
N ALA B 95 12.33 -8.98 -4.01
CA ALA B 95 13.10 -10.24 -3.94
C ALA B 95 13.06 -10.94 -5.29
N PHE B 96 11.90 -10.91 -5.94
CA PHE B 96 11.74 -11.52 -7.26
C PHE B 96 12.69 -10.84 -8.24
N LYS B 97 12.59 -9.51 -8.29
CA LYS B 97 13.42 -8.71 -9.17
C LYS B 97 14.90 -8.88 -8.88
N SER B 98 15.23 -9.28 -7.64
CA SER B 98 16.61 -9.51 -7.23
C SER B 98 17.04 -10.96 -7.44
N GLU B 99 16.19 -11.72 -8.13
CA GLU B 99 16.43 -13.13 -8.42
C GLU B 99 16.46 -14.05 -7.20
N LYS B 100 15.82 -13.62 -6.12
CA LYS B 100 15.75 -14.44 -4.91
C LYS B 100 14.45 -15.24 -4.98
N TYR B 101 14.39 -16.14 -5.96
CA TYR B 101 13.23 -16.97 -6.21
C TYR B 101 12.88 -17.89 -5.05
N ASP B 102 13.90 -18.54 -4.47
CA ASP B 102 13.70 -19.43 -3.34
C ASP B 102 13.10 -18.65 -2.18
N PHE B 103 13.61 -17.45 -1.93
CA PHE B 103 13.09 -16.61 -0.85
C PHE B 103 11.59 -16.39 -1.09
N VAL B 104 11.25 -15.98 -2.31
CA VAL B 104 9.87 -15.70 -2.72
C VAL B 104 8.97 -16.91 -2.56
N VAL B 105 9.44 -18.08 -3.00
CA VAL B 105 8.66 -19.30 -2.88
C VAL B 105 8.51 -19.70 -1.41
N GLU B 106 9.61 -19.62 -0.66
CA GLU B 106 9.59 -19.98 0.75
C GLU B 106 8.68 -19.08 1.58
N GLU B 107 8.67 -17.79 1.27
CA GLU B 107 7.80 -16.85 2.00
C GLU B 107 6.35 -17.26 1.82
N LEU B 108 5.97 -17.56 0.58
CA LEU B 108 4.61 -17.96 0.25
C LEU B 108 4.25 -19.30 0.91
N LYS B 109 5.13 -20.29 0.79
CA LYS B 109 4.91 -21.60 1.41
C LYS B 109 4.64 -21.46 2.90
N GLU B 110 5.42 -20.61 3.55
CA GLU B 110 5.29 -20.37 4.98
C GLU B 110 3.93 -19.77 5.30
N ILE B 111 3.52 -18.77 4.53
CA ILE B 111 2.23 -18.12 4.75
C ILE B 111 1.09 -19.12 4.58
N PHE B 112 1.17 -19.94 3.53
CA PHE B 112 0.14 -20.93 3.23
C PHE B 112 -0.01 -21.98 4.34
N ARG B 113 1.11 -22.47 4.84
CA ARG B 113 1.13 -23.49 5.89
C ARG B 113 0.52 -23.03 7.23
N GLU B 114 0.61 -21.73 7.51
CA GLU B 114 0.04 -21.17 8.73
C GLU B 114 -1.46 -20.92 8.59
N THR B 115 -1.94 -20.97 7.36
CA THR B 115 -3.36 -20.76 7.06
C THR B 115 -3.84 -21.81 6.05
N PRO B 116 -3.69 -23.10 6.38
CA PRO B 116 -4.10 -24.23 5.52
C PRO B 116 -5.57 -24.28 5.13
N SER B 117 -6.44 -23.65 5.93
CA SER B 117 -7.87 -23.67 5.66
C SER B 117 -8.36 -22.66 4.61
N ALA B 118 -7.48 -21.75 4.20
CA ALA B 118 -7.88 -20.73 3.24
C ALA B 118 -7.40 -20.97 1.81
N VAL B 119 -8.17 -20.45 0.86
CA VAL B 119 -7.82 -20.53 -0.56
C VAL B 119 -6.70 -19.49 -0.70
N HIS B 120 -5.60 -19.89 -1.32
CA HIS B 120 -4.46 -19.00 -1.48
C HIS B 120 -4.27 -18.48 -2.89
N LYS B 121 -4.26 -17.15 -3.02
CA LYS B 121 -4.06 -16.47 -4.29
C LYS B 121 -2.82 -15.59 -4.18
N VAL B 122 -1.95 -15.66 -5.18
CA VAL B 122 -0.73 -14.87 -5.18
C VAL B 122 -0.82 -13.76 -6.20
N ILE B 123 -0.73 -12.52 -5.73
CA ILE B 123 -0.77 -11.37 -6.61
C ILE B 123 0.66 -11.12 -7.04
N VAL B 124 0.92 -11.24 -8.34
CA VAL B 124 2.26 -11.07 -8.87
C VAL B 124 2.60 -9.70 -9.45
N GLU B 125 1.60 -8.84 -9.58
CA GLU B 125 1.75 -7.48 -10.10
C GLU B 125 2.25 -7.50 -11.55
N THR B 126 1.41 -8.01 -12.45
CA THR B 126 1.75 -8.09 -13.87
C THR B 126 2.12 -6.78 -14.57
N PRO B 127 1.56 -5.63 -14.12
CA PRO B 127 1.92 -4.39 -14.79
C PRO B 127 3.40 -4.01 -14.63
N TYR B 128 4.08 -4.66 -13.69
CA TYR B 128 5.50 -4.40 -13.44
C TYR B 128 6.37 -5.54 -13.97
N LEU B 129 5.75 -6.47 -14.71
CA LEU B 129 6.45 -7.63 -15.25
C LEU B 129 6.31 -7.75 -16.76
N ASN B 130 7.37 -8.19 -17.42
CA ASN B 130 7.35 -8.41 -18.86
C ASN B 130 6.90 -9.86 -19.07
N GLU B 131 6.70 -10.27 -20.31
CA GLU B 131 6.25 -11.63 -20.63
C GLU B 131 7.06 -12.75 -20.00
N GLU B 132 8.38 -12.62 -20.02
CA GLU B 132 9.26 -13.64 -19.44
C GLU B 132 9.10 -13.76 -17.93
N GLU B 133 8.95 -12.62 -17.25
CA GLU B 133 8.79 -12.62 -15.80
C GLU B 133 7.44 -13.19 -15.41
N ILE B 134 6.44 -13.04 -16.29
CA ILE B 134 5.09 -13.57 -16.04
C ILE B 134 5.12 -15.09 -16.05
N LYS B 135 5.86 -15.66 -17.00
CA LYS B 135 5.99 -17.11 -17.09
C LYS B 135 6.72 -17.66 -15.87
N LYS B 136 7.75 -16.93 -15.43
CA LYS B 136 8.49 -17.34 -14.24
C LYS B 136 7.57 -17.19 -13.02
N ALA B 137 6.77 -16.12 -13.04
CA ALA B 137 5.81 -15.86 -11.96
C ALA B 137 4.87 -17.06 -11.80
N VAL B 138 4.37 -17.56 -12.93
CA VAL B 138 3.46 -18.70 -12.94
C VAL B 138 4.14 -19.94 -12.35
N GLU B 139 5.38 -20.20 -12.75
CA GLU B 139 6.12 -21.35 -12.24
C GLU B 139 6.39 -21.22 -10.72
N ILE B 140 6.54 -19.99 -10.24
CA ILE B 140 6.78 -19.74 -8.82
C ILE B 140 5.50 -20.04 -8.01
N CYS B 141 4.37 -19.55 -8.50
CA CYS B 141 3.09 -19.77 -7.82
C CYS B 141 2.71 -21.25 -7.78
N ILE B 142 3.04 -21.98 -8.84
CA ILE B 142 2.76 -23.42 -8.91
C ILE B 142 3.68 -24.14 -7.93
N GLU B 143 4.96 -23.77 -7.94
CA GLU B 143 5.96 -24.38 -7.06
C GLU B 143 5.58 -24.15 -5.60
N ALA B 144 4.99 -22.99 -5.32
CA ALA B 144 4.57 -22.63 -3.97
C ALA B 144 3.26 -23.31 -3.57
N GLY B 145 2.58 -23.90 -4.55
CA GLY B 145 1.33 -24.59 -4.27
C GLY B 145 0.13 -23.69 -4.12
N ALA B 146 0.13 -22.54 -4.80
CA ALA B 146 -1.00 -21.60 -4.73
C ALA B 146 -2.19 -22.12 -5.53
N ASP B 147 -3.38 -21.68 -5.14
CA ASP B 147 -4.59 -22.08 -5.84
C ASP B 147 -4.81 -21.20 -7.07
N PHE B 148 -4.45 -19.92 -6.95
CA PHE B 148 -4.60 -18.95 -8.03
C PHE B 148 -3.39 -18.04 -8.18
N ILE B 149 -3.18 -17.57 -9.39
CA ILE B 149 -2.16 -16.57 -9.65
C ILE B 149 -3.04 -15.37 -10.02
N LYS B 150 -2.88 -14.27 -9.27
CA LYS B 150 -3.66 -13.06 -9.52
C LYS B 150 -2.77 -12.02 -10.22
N THR B 151 -3.33 -11.38 -11.25
CA THR B 151 -2.59 -10.41 -12.04
C THR B 151 -2.04 -9.11 -11.42
N SER B 152 -2.92 -8.15 -11.16
CA SER B 152 -2.48 -6.85 -10.68
C SER B 152 -2.29 -6.56 -9.19
N THR B 153 -3.20 -5.74 -8.67
CA THR B 153 -3.24 -5.29 -7.28
C THR B 153 -4.13 -4.03 -7.31
N GLY B 154 -4.22 -3.41 -8.48
CA GLY B 154 -5.02 -2.21 -8.65
C GLY B 154 -4.21 -0.94 -8.59
N PHE B 155 -3.11 -0.96 -7.82
CA PHE B 155 -2.24 0.19 -7.67
C PHE B 155 -1.09 0.09 -8.67
N ALA B 156 -1.39 0.43 -9.93
CA ALA B 156 -0.43 0.37 -11.00
C ALA B 156 -0.84 1.32 -12.11
N PRO B 157 0.11 1.68 -13.00
CA PRO B 157 -0.17 2.59 -14.11
C PRO B 157 -1.06 1.99 -15.20
N ARG B 158 -1.24 0.67 -15.16
CA ARG B 158 -2.06 -0.02 -16.16
C ARG B 158 -2.77 -1.23 -15.58
N GLY B 159 -3.92 -1.56 -16.15
CA GLY B 159 -4.67 -2.72 -15.70
C GLY B 159 -4.21 -3.95 -16.44
N THR B 160 -4.89 -5.07 -16.24
CA THR B 160 -4.54 -6.30 -16.93
C THR B 160 -5.18 -6.28 -18.31
N THR B 161 -4.61 -7.06 -19.23
CA THR B 161 -5.12 -7.14 -20.59
C THR B 161 -5.55 -8.57 -20.90
N LEU B 162 -6.32 -8.73 -21.97
CA LEU B 162 -6.79 -10.04 -22.39
C LEU B 162 -5.59 -10.90 -22.79
N GLU B 163 -4.57 -10.24 -23.33
CA GLU B 163 -3.33 -10.90 -23.76
C GLU B 163 -2.61 -11.52 -22.56
N GLU B 164 -2.56 -10.77 -21.46
CA GLU B 164 -1.89 -11.25 -20.25
C GLU B 164 -2.60 -12.48 -19.69
N VAL B 165 -3.93 -12.44 -19.67
CA VAL B 165 -4.73 -13.55 -19.17
C VAL B 165 -4.52 -14.78 -20.05
N ARG B 166 -4.53 -14.58 -21.37
CA ARG B 166 -4.32 -15.67 -22.32
C ARG B 166 -2.94 -16.28 -22.08
N LEU B 167 -1.95 -15.42 -21.90
CA LEU B 167 -0.57 -15.86 -21.66
C LEU B 167 -0.45 -16.70 -20.40
N ILE B 168 -0.99 -16.19 -19.31
CA ILE B 168 -0.94 -16.88 -18.02
C ILE B 168 -1.66 -18.22 -18.09
N LYS B 169 -2.83 -18.26 -18.73
CA LYS B 169 -3.59 -19.50 -18.86
C LYS B 169 -2.81 -20.58 -19.64
N SER B 170 -2.21 -20.21 -20.75
CA SER B 170 -1.44 -21.16 -21.56
C SER B 170 -0.21 -21.66 -20.81
N SER B 171 0.49 -20.74 -20.13
CA SER B 171 1.67 -21.11 -19.36
C SER B 171 1.28 -22.02 -18.19
N ALA B 172 0.16 -21.70 -17.55
CA ALA B 172 -0.33 -22.49 -16.41
C ALA B 172 -0.64 -23.93 -16.85
N LYS B 173 -1.25 -24.06 -18.03
CA LYS B 173 -1.62 -25.37 -18.59
C LYS B 173 -2.31 -26.28 -17.57
N GLY B 174 -3.34 -25.76 -16.92
CA GLY B 174 -4.11 -26.51 -15.94
C GLY B 174 -3.46 -26.79 -14.59
N ARG B 175 -2.26 -26.28 -14.36
CA ARG B 175 -1.57 -26.52 -13.10
C ARG B 175 -1.91 -25.53 -11.97
N ILE B 176 -2.62 -24.46 -12.32
CA ILE B 176 -3.04 -23.44 -11.35
C ILE B 176 -4.18 -22.63 -11.96
N LYS B 177 -5.05 -22.08 -11.12
CA LYS B 177 -6.15 -21.27 -11.63
C LYS B 177 -5.73 -19.82 -11.82
N VAL B 178 -6.54 -19.06 -12.55
CA VAL B 178 -6.23 -17.67 -12.85
C VAL B 178 -7.29 -16.66 -12.42
N LYS B 179 -6.84 -15.61 -11.73
CA LYS B 179 -7.73 -14.53 -11.32
C LYS B 179 -7.28 -13.25 -12.03
N ALA B 180 -8.12 -12.72 -12.91
CA ALA B 180 -7.83 -11.50 -13.64
C ALA B 180 -8.34 -10.30 -12.87
N SER B 181 -7.50 -9.28 -12.72
CA SER B 181 -7.87 -8.07 -11.99
C SER B 181 -7.07 -6.87 -12.49
N GLY B 182 -7.62 -5.68 -12.25
CA GLY B 182 -6.96 -4.47 -12.68
C GLY B 182 -7.61 -3.88 -13.91
N GLY B 183 -8.38 -2.83 -13.71
CA GLY B 183 -9.05 -2.16 -14.82
C GLY B 183 -10.36 -2.77 -15.27
N ILE B 184 -10.79 -3.86 -14.64
CA ILE B 184 -12.05 -4.49 -15.00
C ILE B 184 -13.19 -3.69 -14.38
N ARG B 185 -13.81 -2.84 -15.20
CA ARG B 185 -14.89 -1.95 -14.74
C ARG B 185 -16.33 -2.27 -15.13
N ASP B 186 -16.52 -3.12 -16.13
CA ASP B 186 -17.87 -3.46 -16.56
C ASP B 186 -18.09 -4.91 -16.98
N LEU B 187 -19.35 -5.27 -17.16
CA LEU B 187 -19.76 -6.62 -17.54
C LEU B 187 -19.07 -7.12 -18.81
N GLU B 188 -19.04 -6.29 -19.85
CA GLU B 188 -18.41 -6.67 -21.12
C GLU B 188 -16.97 -7.13 -20.89
N THR B 189 -16.21 -6.34 -20.14
CA THR B 189 -14.81 -6.66 -19.85
C THR B 189 -14.71 -7.94 -19.01
N ALA B 190 -15.55 -8.05 -17.98
CA ALA B 190 -15.56 -9.22 -17.12
C ALA B 190 -15.79 -10.50 -17.94
N ILE B 191 -16.75 -10.45 -18.86
CA ILE B 191 -17.06 -11.59 -19.71
C ILE B 191 -15.90 -11.96 -20.62
N SER B 192 -15.27 -10.97 -21.23
CA SER B 192 -14.14 -11.22 -22.12
C SER B 192 -12.94 -11.82 -21.35
N MET B 193 -12.72 -11.34 -20.12
CA MET B 193 -11.63 -11.84 -19.27
C MET B 193 -11.84 -13.31 -18.90
N ILE B 194 -13.08 -13.69 -18.63
CA ILE B 194 -13.40 -15.06 -18.31
C ILE B 194 -13.20 -15.92 -19.56
N GLU B 195 -13.62 -15.38 -20.70
CA GLU B 195 -13.46 -16.08 -21.97
C GLU B 195 -11.98 -16.23 -22.32
N ALA B 196 -11.16 -15.30 -21.84
CA ALA B 196 -9.71 -15.33 -22.07
C ALA B 196 -9.03 -16.37 -21.18
N GLY B 197 -9.75 -16.88 -20.19
CA GLY B 197 -9.19 -17.89 -19.31
C GLY B 197 -9.26 -17.64 -17.81
N ALA B 198 -9.85 -16.52 -17.41
CA ALA B 198 -9.97 -16.18 -16.00
C ALA B 198 -10.94 -17.09 -15.25
N ASP B 199 -10.50 -17.63 -14.13
CA ASP B 199 -11.33 -18.50 -13.30
C ASP B 199 -12.06 -17.64 -12.26
N ARG B 200 -11.50 -16.45 -12.00
CA ARG B 200 -12.06 -15.48 -11.06
C ARG B 200 -11.79 -14.07 -11.55
N ILE B 201 -12.65 -13.14 -11.17
CA ILE B 201 -12.52 -11.75 -11.56
C ILE B 201 -12.38 -10.84 -10.35
N GLY B 202 -11.28 -10.11 -10.29
CA GLY B 202 -11.07 -9.16 -9.20
C GLY B 202 -11.54 -7.81 -9.71
N THR B 203 -12.46 -7.18 -8.99
CA THR B 203 -12.97 -5.88 -9.41
C THR B 203 -13.59 -5.08 -8.25
N SER B 204 -13.49 -3.76 -8.31
CA SER B 204 -14.11 -2.92 -7.28
C SER B 204 -15.48 -2.44 -7.78
N SER B 205 -15.86 -2.89 -8.99
CA SER B 205 -17.16 -2.51 -9.55
C SER B 205 -18.08 -3.73 -9.68
N GLY B 206 -17.95 -4.65 -8.73
CA GLY B 206 -18.75 -5.85 -8.75
C GLY B 206 -20.24 -5.56 -8.68
N ILE B 207 -20.63 -4.61 -7.84
CA ILE B 207 -22.05 -4.24 -7.71
C ILE B 207 -22.61 -3.86 -9.07
N SER B 208 -21.94 -2.92 -9.75
CA SER B 208 -22.35 -2.46 -11.07
C SER B 208 -22.45 -3.60 -12.07
N ILE B 209 -21.43 -4.46 -12.07
CA ILE B 209 -21.37 -5.59 -12.99
C ILE B 209 -22.49 -6.60 -12.76
N ALA B 210 -22.71 -6.96 -11.51
CA ALA B 210 -23.77 -7.91 -11.15
C ALA B 210 -25.14 -7.34 -11.50
N GLU B 211 -25.34 -6.04 -11.23
CA GLU B 211 -26.61 -5.39 -11.54
C GLU B 211 -26.84 -5.39 -13.05
N GLU B 212 -25.78 -5.13 -13.81
CA GLU B 212 -25.88 -5.12 -15.26
C GLU B 212 -26.25 -6.52 -15.73
N PHE B 213 -25.71 -7.54 -15.08
CA PHE B 213 -26.01 -8.92 -15.44
C PHE B 213 -27.49 -9.24 -15.19
N LEU B 214 -27.98 -8.81 -14.04
CA LEU B 214 -29.37 -9.06 -13.68
C LEU B 214 -30.30 -8.32 -14.63
N LYS B 215 -29.99 -7.06 -14.92
CA LYS B 215 -30.82 -6.25 -15.81
C LYS B 215 -30.93 -6.91 -17.19
N ARG B 216 -29.79 -7.32 -17.74
CA ARG B 216 -29.77 -7.96 -19.04
C ARG B 216 -30.59 -9.23 -19.05
N HIS B 217 -30.46 -10.02 -17.98
CA HIS B 217 -31.21 -11.26 -17.85
C HIS B 217 -32.72 -11.00 -17.75
N LEU B 218 -33.11 -10.05 -16.92
CA LEU B 218 -34.51 -9.72 -16.71
C LEU B 218 -35.16 -9.01 -17.89
N ILE B 219 -34.36 -8.27 -18.65
CA ILE B 219 -34.86 -7.54 -19.81
C ILE B 219 -34.88 -8.40 -21.08
N LEU B 220 -33.89 -9.29 -21.21
CA LEU B 220 -33.80 -10.17 -22.38
C LEU B 220 -34.55 -11.49 -22.22
N GLU B 221 -34.15 -12.29 -21.24
CA GLU B 221 -34.75 -13.61 -20.97
C GLU B 221 -34.56 -14.58 -22.15
P PO4 C . -8.93 -2.28 -9.50
O1 PO4 C . -10.35 -2.02 -9.82
O2 PO4 C . -8.14 -3.44 -9.95
O3 PO4 C . -8.14 -1.07 -9.13
O4 PO4 C . -8.76 -1.83 -10.99
#